data_1J8G
#
_entry.id   1J8G
#
_cell.length_a   36.154
_cell.length_b   36.154
_cell.length_c   74.134
_cell.angle_alpha   90.00
_cell.angle_beta   90.00
_cell.angle_gamma   90.00
#
_symmetry.space_group_name_H-M   'P 4 21 2'
#
loop_
_entity.id
_entity.type
_entity.pdbx_description
1 polymer "5'-R(*UP*GP*GP*GP*GP*U)-3'"
2 non-polymer SPERMINE
3 non-polymer 'STRONTIUM ION'
4 non-polymer 'CALCIUM ION'
5 non-polymer 'SODIUM ION'
6 water water
#
_entity_poly.entity_id   1
_entity_poly.type   'polyribonucleotide'
_entity_poly.pdbx_seq_one_letter_code
;UGGGGU
;
_entity_poly.pdbx_strand_id   A,B,C,D
#